data_3BWU
#
_entry.id   3BWU
#
_cell.length_a   126.948
_cell.length_b   126.948
_cell.length_c   68.755
_cell.angle_alpha   90.000
_cell.angle_beta   90.000
_cell.angle_gamma   120.000
#
_symmetry.space_group_name_H-M   'P 31 2 1'
#
loop_
_entity.id
_entity.type
_entity.pdbx_description
1 polymer 'Chaperone protein fimC'
2 polymer 'Outer membrane usher protein FimD, N-terminal domain'
3 polymer 'Protein fimF'
4 non-polymer 1,2-ETHANEDIOL
5 non-polymer DI(HYDROXYETHYL)ETHER
6 water water
#
loop_
_entity_poly.entity_id
_entity_poly.type
_entity_poly.pdbx_seq_one_letter_code
_entity_poly.pdbx_strand_id
1 'polypeptide(L)'
;GVALGATRVIYPAGQKQEQLAVTNNDENSTYLIQSWVENADGVKDGRFIVTPPLFAMKGKKENTLRILDATNNQLPQDRE
SLFWMNVKAIPSMDKSKLTENTLQLAIISRIKLYYRPAKLALPPDQAAEKLRFRRSANSLTLINPTPYYLTVTELNAGTR
VLENALVPPMGESTVKLPSDAGSNITYRTINDYGALTPKMTGVME
;
C
2 'polypeptide(L)'
;DLYFNPRFLADDPQAVADLSRFENGQELPPGTYRVDIYLNNGYMATRDVTFNTGDSEQGIVPCLTRAQLASMGLNTASVA
GMNLLADDACVPLTTMVQDATAHLDVGQQRLNLTIPQAFMSNRAR
;
D
3 'polypeptide(L)'
;DNGCSVAAESTNFTVDLMENAAKQFNNIGATTPVVPFRILLSPCGNAVSAVKVGFTGVADSHNANLLALENTVSAASGLG
IQLLNEQQNQIPLNAPSSALSWTTLTPGKPNTLNFYARLMATQVPVTAGHINATATFTLEYQ
;
F
#
loop_
_chem_comp.id
_chem_comp.type
_chem_comp.name
_chem_comp.formula
EDO non-polymer 1,2-ETHANEDIOL 'C2 H6 O2'
PEG non-polymer DI(HYDROXYETHYL)ETHER 'C4 H10 O3'
#
# COMPACT_ATOMS: atom_id res chain seq x y z
N GLY A 1 -2.37 12.93 -7.15
CA GLY A 1 -2.70 11.54 -6.85
C GLY A 1 -1.45 10.76 -6.50
N VAL A 2 -1.63 9.60 -5.88
CA VAL A 2 -0.52 8.81 -5.36
C VAL A 2 -0.21 7.58 -6.20
N ALA A 3 1.08 7.31 -6.38
CA ALA A 3 1.58 6.12 -7.07
C ALA A 3 2.66 5.48 -6.21
N LEU A 4 2.85 4.17 -6.38
CA LEU A 4 3.97 3.47 -5.75
C LEU A 4 5.09 3.28 -6.76
N GLY A 5 6.31 3.18 -6.26
CA GLY A 5 7.47 3.07 -7.13
C GLY A 5 7.80 1.65 -7.57
N ALA A 6 6.94 0.70 -7.20
CA ALA A 6 7.11 -0.69 -7.61
C ALA A 6 5.76 -1.38 -7.70
N THR A 7 5.70 -2.46 -8.48
CA THR A 7 4.50 -3.30 -8.52
C THR A 7 4.67 -4.61 -7.75
N ARG A 8 5.91 -4.84 -7.29
CA ARG A 8 6.15 -5.87 -6.29
C ARG A 8 7.45 -5.57 -5.53
N VAL A 9 7.63 -6.19 -4.38
CA VAL A 9 8.90 -6.07 -3.65
C VAL A 9 9.42 -7.47 -3.37
N ILE A 10 10.65 -7.72 -3.80
CA ILE A 10 11.34 -8.97 -3.48
C ILE A 10 12.22 -8.70 -2.27
N TYR A 11 11.98 -9.45 -1.19
CA TYR A 11 12.68 -9.21 0.07
C TYR A 11 13.64 -10.36 0.35
N PRO A 12 14.95 -10.15 0.08
CA PRO A 12 15.91 -11.23 0.28
C PRO A 12 16.16 -11.44 1.76
N ALA A 13 16.18 -12.70 2.19
CA ALA A 13 16.44 -12.98 3.60
C ALA A 13 17.79 -12.38 3.97
N GLY A 14 17.87 -11.80 5.16
CA GLY A 14 19.11 -11.17 5.60
C GLY A 14 19.13 -9.66 5.48
N GLN A 15 18.34 -9.11 4.57
CA GLN A 15 18.28 -7.65 4.41
C GLN A 15 17.58 -7.03 5.62
N LYS A 16 18.16 -5.94 6.14
CA LYS A 16 17.55 -5.29 7.30
C LYS A 16 16.26 -4.57 6.92
N GLN A 17 16.25 -4.01 5.71
CA GLN A 17 15.08 -3.31 5.19
C GLN A 17 15.02 -3.32 3.66
N GLU A 18 13.83 -3.10 3.13
CA GLU A 18 13.67 -2.78 1.70
C GLU A 18 12.89 -1.48 1.65
N GLN A 19 12.98 -0.78 0.53
CA GLN A 19 12.40 0.55 0.39
C GLN A 19 11.27 0.52 -0.63
N LEU A 20 10.26 1.38 -0.43
CA LEU A 20 9.18 1.52 -1.41
C LEU A 20 8.82 3.01 -1.52
N ALA A 21 8.93 3.57 -2.72
CA ALA A 21 8.68 4.99 -2.92
C ALA A 21 7.19 5.24 -3.05
N VAL A 22 6.73 6.34 -2.46
CA VAL A 22 5.34 6.78 -2.58
C VAL A 22 5.38 8.21 -3.11
N THR A 23 4.68 8.48 -4.21
CA THR A 23 4.77 9.78 -4.87
CA THR A 23 4.77 9.78 -4.84
C THR A 23 3.40 10.42 -5.07
N ASN A 24 3.28 11.69 -4.69
CA ASN A 24 2.10 12.48 -5.01
C ASN A 24 2.51 13.39 -6.15
N ASN A 25 1.76 13.39 -7.25
CA ASN A 25 2.11 14.20 -8.40
C ASN A 25 1.28 15.48 -8.52
N ASP A 26 0.49 15.77 -7.49
CA ASP A 26 -0.48 16.86 -7.54
C ASP A 26 -0.13 18.00 -6.57
N GLU A 27 0.36 19.10 -7.12
CA GLU A 27 0.82 20.23 -6.30
C GLU A 27 -0.28 20.81 -5.42
N ASN A 28 -1.53 20.60 -5.83
CA ASN A 28 -2.67 21.19 -5.13
C ASN A 28 -3.39 20.25 -4.18
N SER A 29 -2.79 19.09 -3.90
CA SER A 29 -3.41 18.10 -3.05
C SER A 29 -2.53 17.71 -1.88
N THR A 30 -3.17 17.31 -0.78
CA THR A 30 -2.46 16.73 0.36
C THR A 30 -3.14 15.40 0.69
N TYR A 31 -2.34 14.36 0.90
CA TYR A 31 -2.89 13.04 1.25
C TYR A 31 -2.33 12.56 2.56
N LEU A 32 -3.13 11.81 3.30
CA LEU A 32 -2.58 11.00 4.38
C LEU A 32 -2.26 9.63 3.78
N ILE A 33 -1.10 9.10 4.14
CA ILE A 33 -0.67 7.80 3.63
C ILE A 33 -0.64 6.82 4.79
N GLN A 34 -1.47 5.78 4.70
CA GLN A 34 -1.56 4.79 5.77
C GLN A 34 -1.16 3.45 5.18
N SER A 35 -0.13 2.82 5.74
CA SER A 35 0.45 1.62 5.12
C SER A 35 0.59 0.46 6.11
N TRP A 36 0.39 -0.75 5.60
CA TRP A 36 0.46 -1.94 6.44
C TRP A 36 0.69 -3.18 5.59
N VAL A 37 1.19 -4.25 6.19
CA VAL A 37 1.44 -5.49 5.47
C VAL A 37 0.46 -6.57 5.97
N GLU A 38 -0.11 -7.34 5.04
CA GLU A 38 -0.91 -8.50 5.42
C GLU A 38 -0.22 -9.76 4.93
N ASN A 39 -0.44 -10.87 5.64
CA ASN A 39 0.05 -12.14 5.15
C ASN A 39 -0.87 -12.69 4.06
N ALA A 40 -0.61 -13.93 3.64
CA ALA A 40 -1.34 -14.53 2.52
C ALA A 40 -2.82 -14.73 2.84
N ASP A 41 -3.14 -14.69 4.14
CA ASP A 41 -4.52 -14.85 4.60
C ASP A 41 -5.22 -13.51 4.87
N GLY A 42 -4.54 -12.42 4.57
CA GLY A 42 -5.11 -11.10 4.78
C GLY A 42 -4.98 -10.59 6.22
N VAL A 43 -4.10 -11.22 6.99
CA VAL A 43 -3.94 -10.88 8.41
C VAL A 43 -2.64 -10.13 8.68
N LYS A 44 -2.72 -9.11 9.53
CA LYS A 44 -1.52 -8.36 9.89
C LYS A 44 -0.71 -9.09 10.96
N ASP A 45 0.09 -10.05 10.54
CA ASP A 45 0.78 -10.92 11.50
C ASP A 45 2.10 -10.36 12.02
N GLY A 46 2.49 -9.20 11.53
CA GLY A 46 3.71 -8.53 11.99
C GLY A 46 5.03 -9.17 11.59
N ARG A 47 4.98 -10.12 10.64
CA ARG A 47 6.21 -10.70 10.12
C ARG A 47 7.04 -9.64 9.42
N PHE A 48 6.34 -8.73 8.73
CA PHE A 48 6.99 -7.58 8.12
C PHE A 48 6.37 -6.31 8.63
N ILE A 49 7.21 -5.34 8.97
CA ILE A 49 6.77 -4.08 9.56
C ILE A 49 7.01 -2.97 8.57
N VAL A 50 6.08 -2.03 8.48
CA VAL A 50 6.24 -0.87 7.62
C VAL A 50 6.40 0.38 8.47
N THR A 51 7.32 1.23 8.07
CA THR A 51 7.55 2.47 8.78
C THR A 51 7.99 3.55 7.81
N PRO A 52 7.43 4.77 7.94
CA PRO A 52 6.41 5.13 8.92
C PRO A 52 5.02 4.71 8.41
N PRO A 53 4.18 4.15 9.29
CA PRO A 53 2.89 3.57 8.88
C PRO A 53 1.78 4.60 8.69
N LEU A 54 2.02 5.87 9.02
CA LEU A 54 1.02 6.91 8.85
C LEU A 54 1.68 8.28 8.79
N PHE A 55 1.47 9.00 7.70
CA PHE A 55 2.07 10.33 7.55
C PHE A 55 1.32 11.14 6.50
N ALA A 56 1.64 12.43 6.42
CA ALA A 56 0.99 13.31 5.45
C ALA A 56 1.98 13.72 4.37
N MET A 57 1.49 13.83 3.13
CA MET A 57 2.29 14.29 2.00
C MET A 57 1.60 15.48 1.35
N LYS A 58 2.26 16.63 1.35
CA LYS A 58 1.69 17.85 0.76
C LYS A 58 2.33 18.19 -0.58
N GLY A 59 1.50 18.29 -1.62
CA GLY A 59 1.96 18.72 -2.93
C GLY A 59 2.80 17.69 -3.64
N LYS A 60 3.50 18.11 -4.68
CA LYS A 60 4.39 17.22 -5.42
C LYS A 60 5.53 16.79 -4.51
N LYS A 61 5.58 15.50 -4.20
CA LYS A 61 6.48 15.03 -3.17
C LYS A 61 6.69 13.52 -3.29
N GLU A 62 7.86 13.05 -2.89
CA GLU A 62 8.09 11.62 -2.76
C GLU A 62 8.55 11.28 -1.37
N ASN A 63 7.99 10.22 -0.81
CA ASN A 63 8.37 9.73 0.51
C ASN A 63 8.72 8.27 0.37
N THR A 64 9.70 7.81 1.12
CA THR A 64 10.11 6.42 1.05
C THR A 64 9.64 5.64 2.28
N LEU A 65 8.90 4.55 2.05
CA LEU A 65 8.53 3.63 3.11
C LEU A 65 9.63 2.60 3.29
N ARG A 66 9.88 2.23 4.55
CA ARG A 66 10.78 1.13 4.85
C ARG A 66 9.96 -0.09 5.23
N ILE A 67 10.32 -1.22 4.64
CA ILE A 67 9.73 -2.51 5.00
C ILE A 67 10.79 -3.32 5.74
N LEU A 68 10.48 -3.75 6.96
CA LEU A 68 11.47 -4.40 7.82
C LEU A 68 11.15 -5.86 8.09
N ASP A 69 12.16 -6.72 7.93
CA ASP A 69 12.04 -8.14 8.24
C ASP A 69 11.98 -8.32 9.75
N ALA A 70 10.81 -8.69 10.25
CA ALA A 70 10.61 -8.94 11.68
C ALA A 70 10.26 -10.41 11.90
N THR A 71 10.70 -11.27 11.00
CA THR A 71 10.30 -12.67 10.99
C THR A 71 11.12 -13.49 11.99
N ASN A 72 12.22 -12.91 12.45
CA ASN A 72 13.15 -13.62 13.32
C ASN A 72 13.53 -14.98 12.74
N ASN A 73 13.71 -15.00 11.42
CA ASN A 73 14.08 -16.21 10.67
C ASN A 73 13.13 -17.39 10.84
N GLN A 74 11.86 -17.12 11.12
CA GLN A 74 10.90 -18.17 11.41
C GLN A 74 10.02 -18.65 10.23
N LEU A 75 10.12 -18.00 9.07
CA LEU A 75 9.34 -18.44 7.90
C LEU A 75 9.99 -19.65 7.23
N PRO A 76 9.25 -20.37 6.36
CA PRO A 76 9.81 -21.53 5.67
C PRO A 76 11.07 -21.12 4.91
N GLN A 77 12.07 -22.00 4.87
CA GLN A 77 13.34 -21.65 4.25
C GLN A 77 13.56 -22.25 2.86
N ASP A 78 12.59 -23.01 2.36
CA ASP A 78 12.74 -23.66 1.05
C ASP A 78 11.85 -23.09 -0.05
N ARG A 79 11.18 -21.98 0.26
CA ARG A 79 10.20 -21.44 -0.68
C ARG A 79 9.91 -20.01 -0.29
N GLU A 80 9.42 -19.23 -1.25
CA GLU A 80 8.97 -17.87 -0.96
C GLU A 80 7.72 -17.87 -0.08
N SER A 81 7.57 -16.82 0.73
CA SER A 81 6.34 -16.57 1.46
C SER A 81 5.70 -15.31 0.91
N LEU A 82 4.39 -15.35 0.73
CA LEU A 82 3.63 -14.24 0.14
C LEU A 82 3.06 -13.28 1.18
N PHE A 83 3.33 -12.00 0.99
CA PHE A 83 2.71 -10.94 1.79
C PHE A 83 2.16 -9.91 0.84
N TRP A 84 1.32 -9.03 1.38
CA TRP A 84 0.72 -7.96 0.59
C TRP A 84 1.02 -6.63 1.25
N MET A 85 1.70 -5.75 0.51
CA MET A 85 1.96 -4.40 0.97
C MET A 85 0.77 -3.55 0.57
N ASN A 86 0.19 -2.85 1.54
CA ASN A 86 -0.98 -2.02 1.28
C ASN A 86 -0.67 -0.58 1.61
N VAL A 87 -0.91 0.32 0.65
CA VAL A 87 -0.68 1.74 0.89
C VAL A 87 -1.95 2.50 0.57
N LYS A 88 -2.56 3.08 1.60
CA LYS A 88 -3.82 3.80 1.45
CA LYS A 88 -3.82 3.82 1.44
C LYS A 88 -3.57 5.31 1.37
N ALA A 89 -4.05 5.93 0.30
CA ALA A 89 -3.93 7.36 0.11
C ALA A 89 -5.28 7.98 0.41
N ILE A 90 -5.33 8.76 1.48
CA ILE A 90 -6.57 9.40 1.96
C ILE A 90 -6.55 10.87 1.54
N PRO A 91 -7.58 11.29 0.82
CA PRO A 91 -7.60 12.67 0.32
C PRO A 91 -8.17 13.63 1.36
N SER A 92 -7.86 14.92 1.21
CA SER A 92 -8.48 15.95 2.01
C SER A 92 -9.84 16.29 1.40
N MET A 93 -10.62 17.10 2.11
CA MET A 93 -11.94 17.50 1.64
C MET A 93 -12.07 19.02 1.67
N ASP A 94 -12.80 19.58 0.71
CA ASP A 94 -13.03 21.02 0.66
C ASP A 94 -13.87 21.49 1.85
N GLU A 100 -22.64 19.65 1.55
CA GLU A 100 -23.27 19.03 0.38
C GLU A 100 -23.19 17.51 0.36
N ASN A 101 -23.89 16.90 -0.58
CA ASN A 101 -24.02 15.45 -0.67
C ASN A 101 -22.90 14.86 -1.52
N THR A 102 -21.96 14.17 -0.88
CA THR A 102 -20.80 13.67 -1.60
CA THR A 102 -20.77 13.69 -1.56
C THR A 102 -20.40 12.25 -1.19
N LEU A 103 -19.94 11.50 -2.17
CA LEU A 103 -19.26 10.23 -1.93
C LEU A 103 -17.78 10.52 -2.18
N GLN A 104 -16.94 10.29 -1.19
CA GLN A 104 -15.51 10.50 -1.36
C GLN A 104 -14.80 9.17 -1.24
N LEU A 105 -13.71 9.01 -1.99
CA LEU A 105 -12.99 7.74 -2.03
C LEU A 105 -11.54 7.87 -1.58
N ALA A 106 -11.08 6.90 -0.79
CA ALA A 106 -9.66 6.73 -0.55
C ALA A 106 -9.19 5.61 -1.48
N ILE A 107 -7.87 5.53 -1.71
CA ILE A 107 -7.35 4.57 -2.66
C ILE A 107 -6.32 3.67 -2.00
N ILE A 108 -6.50 2.36 -2.07
CA ILE A 108 -5.45 1.43 -1.61
C ILE A 108 -4.72 0.87 -2.81
N SER A 109 -3.41 1.08 -2.86
CA SER A 109 -2.54 0.41 -3.83
C SER A 109 -1.94 -0.80 -3.14
N ARG A 110 -2.14 -1.98 -3.71
CA ARG A 110 -1.75 -3.22 -3.05
C ARG A 110 -0.82 -3.99 -3.98
N ILE A 111 0.35 -4.38 -3.45
CA ILE A 111 1.33 -5.10 -4.25
C ILE A 111 1.92 -6.28 -3.49
N LYS A 112 2.38 -7.27 -4.25
CA LYS A 112 3.05 -8.43 -3.69
C LYS A 112 4.37 -8.06 -3.01
N LEU A 113 4.56 -8.64 -1.83
CA LEU A 113 5.83 -8.59 -1.11
C LEU A 113 6.25 -10.04 -0.88
N TYR A 114 7.32 -10.48 -1.55
CA TYR A 114 7.76 -11.86 -1.40
C TYR A 114 8.99 -11.95 -0.50
N TYR A 115 8.90 -12.75 0.56
CA TYR A 115 10.08 -13.06 1.36
C TYR A 115 10.80 -14.20 0.64
N ARG A 116 12.07 -14.01 0.32
CA ARG A 116 12.82 -14.97 -0.48
C ARG A 116 14.03 -15.49 0.28
N PRO A 117 13.95 -16.73 0.79
CA PRO A 117 15.06 -17.31 1.55
C PRO A 117 16.36 -17.33 0.75
N ALA A 118 17.47 -17.35 1.47
CA ALA A 118 18.77 -17.50 0.83
C ALA A 118 18.97 -18.95 0.42
N LYS A 119 19.93 -19.18 -0.47
CA LYS A 119 20.35 -20.53 -0.85
C LYS A 119 19.28 -21.41 -1.46
N LEU A 120 18.32 -20.83 -2.18
CA LEU A 120 17.36 -21.66 -2.89
C LEU A 120 18.06 -22.37 -4.03
N ALA A 121 17.92 -23.70 -4.08
CA ALA A 121 18.65 -24.48 -5.09
C ALA A 121 18.39 -24.04 -6.53
N LEU A 122 17.14 -23.70 -6.85
CA LEU A 122 16.80 -23.23 -8.19
C LEU A 122 16.81 -21.70 -8.23
N PRO A 123 17.65 -21.11 -9.10
CA PRO A 123 17.68 -19.65 -9.22
C PRO A 123 16.41 -19.11 -9.86
N PRO A 124 16.10 -17.83 -9.62
CA PRO A 124 14.80 -17.28 -10.01
C PRO A 124 14.55 -17.26 -11.51
N ASP A 125 15.60 -17.07 -12.33
CA ASP A 125 15.36 -16.96 -13.76
C ASP A 125 15.05 -18.31 -14.42
N GLN A 126 15.20 -19.39 -13.67
CA GLN A 126 14.89 -20.73 -14.18
C GLN A 126 13.51 -21.21 -13.77
N ALA A 127 12.77 -20.38 -13.03
CA ALA A 127 11.48 -20.81 -12.48
C ALA A 127 10.37 -20.94 -13.53
N ALA A 128 10.24 -19.93 -14.39
CA ALA A 128 9.11 -19.89 -15.33
C ALA A 128 9.02 -21.14 -16.21
N GLU A 129 10.17 -21.63 -16.66
CA GLU A 129 10.22 -22.82 -17.53
C GLU A 129 9.77 -24.11 -16.84
N LYS A 130 9.79 -24.13 -15.52
CA LYS A 130 9.45 -25.34 -14.77
C LYS A 130 7.94 -25.58 -14.66
N LEU A 131 7.12 -24.58 -14.98
CA LEU A 131 5.67 -24.71 -14.90
C LEU A 131 5.21 -25.90 -15.73
N ARG A 132 4.30 -26.70 -15.18
CA ARG A 132 3.75 -27.82 -15.94
C ARG A 132 2.22 -27.79 -15.88
N PHE A 133 1.59 -28.56 -16.76
CA PHE A 133 0.13 -28.47 -16.89
C PHE A 133 -0.54 -29.83 -16.79
N ARG A 134 -1.68 -29.86 -16.10
CA ARG A 134 -2.54 -31.04 -16.01
C ARG A 134 -3.90 -30.61 -16.54
N ARG A 135 -4.37 -31.28 -17.60
CA ARG A 135 -5.59 -30.86 -18.27
C ARG A 135 -6.73 -31.85 -18.11
N SER A 136 -7.91 -31.35 -17.74
CA SER A 136 -9.11 -32.16 -17.74
C SER A 136 -10.09 -31.64 -18.79
N ALA A 137 -11.30 -32.17 -18.80
CA ALA A 137 -12.28 -31.81 -19.82
C ALA A 137 -12.55 -30.31 -19.88
N ASN A 138 -12.77 -29.69 -18.72
CA ASN A 138 -13.12 -28.28 -18.67
C ASN A 138 -12.32 -27.49 -17.64
N SER A 139 -11.14 -27.98 -17.33
CA SER A 139 -10.27 -27.26 -16.40
CA SER A 139 -10.27 -27.32 -16.36
C SER A 139 -8.82 -27.51 -16.76
N LEU A 140 -7.97 -26.56 -16.36
CA LEU A 140 -6.55 -26.66 -16.60
C LEU A 140 -5.85 -26.38 -15.28
N THR A 141 -5.02 -27.30 -14.84
CA THR A 141 -4.28 -27.12 -13.59
C THR A 141 -2.81 -26.78 -13.88
N LEU A 142 -2.36 -25.70 -13.27
CA LEU A 142 -0.98 -25.25 -13.40
C LEU A 142 -0.21 -25.77 -12.19
N ILE A 143 0.95 -26.35 -12.45
CA ILE A 143 1.75 -27.02 -11.42
C ILE A 143 3.10 -26.33 -11.32
N ASN A 144 3.41 -25.81 -10.14
CA ASN A 144 4.62 -25.04 -9.91
C ASN A 144 5.55 -25.75 -8.93
N PRO A 145 6.56 -26.46 -9.45
CA PRO A 145 7.45 -27.25 -8.58
C PRO A 145 8.61 -26.43 -8.03
N THR A 146 8.56 -25.12 -8.21
CA THR A 146 9.70 -24.26 -7.85
C THR A 146 9.46 -23.59 -6.50
N PRO A 147 10.51 -22.98 -5.94
CA PRO A 147 10.35 -22.25 -4.68
C PRO A 147 9.72 -20.86 -4.86
N TYR A 148 9.40 -20.46 -6.09
CA TYR A 148 8.95 -19.09 -6.33
C TYR A 148 7.50 -19.00 -6.72
N TYR A 149 6.79 -18.00 -6.22
CA TYR A 149 5.46 -17.69 -6.72
C TYR A 149 5.54 -17.37 -8.21
N LEU A 150 4.72 -18.03 -9.01
CA LEU A 150 4.66 -17.74 -10.44
C LEU A 150 3.38 -17.00 -10.79
N THR A 151 3.54 -15.77 -11.28
CA THR A 151 2.42 -14.95 -11.71
C THR A 151 2.25 -15.22 -13.20
N VAL A 152 1.25 -16.04 -13.53
CA VAL A 152 1.08 -16.54 -14.90
C VAL A 152 0.03 -15.71 -15.63
N THR A 153 0.36 -15.23 -16.83
CA THR A 153 -0.54 -14.35 -17.54
C THR A 153 -0.40 -14.61 -19.05
N GLU A 154 -1.23 -13.97 -19.86
CA GLU A 154 -1.35 -14.35 -21.27
C GLU A 154 -1.41 -15.87 -21.42
N LEU A 155 -2.22 -16.50 -20.57
CA LEU A 155 -2.39 -17.95 -20.60
C LEU A 155 -3.41 -18.27 -21.67
N ASN A 156 -2.98 -19.01 -22.69
CA ASN A 156 -3.84 -19.38 -23.81
C ASN A 156 -3.88 -20.89 -24.00
N ALA A 157 -5.07 -21.39 -24.33
CA ALA A 157 -5.21 -22.75 -24.79
C ALA A 157 -5.76 -22.62 -26.20
N GLY A 158 -4.93 -22.94 -27.20
CA GLY A 158 -5.27 -22.59 -28.57
C GLY A 158 -5.46 -21.08 -28.67
N THR A 159 -6.61 -20.67 -29.18
CA THR A 159 -6.89 -19.25 -29.35
C THR A 159 -7.68 -18.66 -28.17
N ARG A 160 -7.99 -19.52 -27.19
CA ARG A 160 -8.78 -19.09 -26.04
C ARG A 160 -7.91 -18.52 -24.93
N VAL A 161 -8.13 -17.27 -24.57
CA VAL A 161 -7.43 -16.66 -23.44
C VAL A 161 -8.08 -17.09 -22.14
N LEU A 162 -7.27 -17.62 -21.22
CA LEU A 162 -7.75 -18.12 -19.94
C LEU A 162 -7.45 -17.12 -18.83
N GLU A 163 -8.01 -17.36 -17.66
CA GLU A 163 -7.79 -16.48 -16.52
C GLU A 163 -6.32 -16.47 -16.11
N ASN A 164 -5.86 -15.34 -15.61
CA ASN A 164 -4.54 -15.24 -14.99
C ASN A 164 -4.51 -16.12 -13.75
N ALA A 165 -3.33 -16.58 -13.35
CA ALA A 165 -3.22 -17.38 -12.13
C ALA A 165 -1.97 -17.04 -11.35
N LEU A 166 -2.07 -17.12 -10.02
CA LEU A 166 -0.89 -16.99 -9.17
C LEU A 166 -0.65 -18.38 -8.61
N VAL A 167 0.42 -19.02 -9.06
CA VAL A 167 0.65 -20.41 -8.71
C VAL A 167 1.67 -20.47 -7.59
N PRO A 168 1.24 -20.96 -6.42
CA PRO A 168 2.10 -20.96 -5.24
C PRO A 168 3.30 -21.89 -5.40
N PRO A 169 4.41 -21.59 -4.70
CA PRO A 169 5.60 -22.46 -4.74
C PRO A 169 5.27 -23.88 -4.30
N MET A 170 5.82 -24.87 -5.00
CA MET A 170 5.50 -26.26 -4.74
CA MET A 170 5.49 -26.27 -4.77
C MET A 170 3.99 -26.45 -4.63
N GLY A 171 3.25 -25.73 -5.46
CA GLY A 171 1.81 -25.77 -5.39
C GLY A 171 1.18 -25.77 -6.76
N GLU A 172 -0.13 -25.53 -6.79
CA GLU A 172 -0.92 -25.64 -8.00
C GLU A 172 -2.05 -24.62 -7.98
N SER A 173 -2.59 -24.34 -9.16
CA SER A 173 -3.74 -23.47 -9.31
CA SER A 173 -3.72 -23.45 -9.34
C SER A 173 -4.55 -23.98 -10.48
N THR A 174 -5.86 -23.80 -10.42
CA THR A 174 -6.72 -24.32 -11.48
C THR A 174 -7.57 -23.21 -12.09
N VAL A 175 -7.66 -23.21 -13.42
CA VAL A 175 -8.52 -22.26 -14.12
C VAL A 175 -9.53 -22.97 -15.02
N LYS A 176 -10.63 -22.28 -15.32
CA LYS A 176 -11.64 -22.78 -16.24
C LYS A 176 -11.07 -22.92 -17.65
N LEU A 177 -11.59 -23.87 -18.39
CA LEU A 177 -11.13 -24.14 -19.74
C LEU A 177 -12.34 -24.44 -20.63
N PRO A 178 -12.57 -23.61 -21.67
CA PRO A 178 -13.65 -23.83 -22.62
C PRO A 178 -13.57 -25.21 -23.27
N SER A 179 -14.71 -25.80 -23.62
CA SER A 179 -14.73 -27.15 -24.16
C SER A 179 -13.97 -27.20 -25.49
N ASP A 180 -14.02 -26.10 -26.23
CA ASP A 180 -13.46 -26.04 -27.58
C ASP A 180 -11.98 -25.62 -27.61
N ALA A 181 -11.44 -25.21 -26.47
CA ALA A 181 -10.07 -24.72 -26.40
C ALA A 181 -9.06 -25.68 -27.04
N GLY A 182 -8.12 -25.15 -27.80
CA GLY A 182 -7.14 -25.96 -28.50
C GLY A 182 -6.16 -26.64 -27.57
N SER A 183 -5.36 -27.56 -28.12
CA SER A 183 -4.46 -28.35 -27.31
C SER A 183 -3.15 -27.63 -27.01
N ASN A 184 -2.77 -26.66 -27.84
CA ASN A 184 -1.53 -25.92 -27.66
CA ASN A 184 -1.52 -25.95 -27.62
C ASN A 184 -1.63 -24.84 -26.58
N ILE A 185 -0.95 -25.04 -25.46
CA ILE A 185 -0.97 -24.04 -24.40
CA ILE A 185 -0.94 -24.09 -24.36
C ILE A 185 0.26 -23.15 -24.51
N THR A 186 0.04 -21.86 -24.28
CA THR A 186 1.16 -20.91 -24.18
C THR A 186 0.95 -20.01 -22.97
N TYR A 187 2.03 -19.45 -22.44
CA TYR A 187 1.88 -18.57 -21.29
C TYR A 187 3.10 -17.66 -21.17
N ARG A 188 2.93 -16.63 -20.35
CA ARG A 188 4.05 -15.80 -19.93
CA ARG A 188 4.03 -15.77 -19.93
C ARG A 188 3.97 -15.64 -18.42
N THR A 189 4.98 -15.01 -17.82
CA THR A 189 4.90 -14.71 -16.39
C THR A 189 5.26 -13.26 -16.17
N ILE A 190 4.91 -12.73 -14.99
CA ILE A 190 5.38 -11.41 -14.59
C ILE A 190 6.56 -11.64 -13.66
N ASN A 191 7.71 -11.08 -14.01
CA ASN A 191 8.95 -11.38 -13.29
C ASN A 191 9.22 -10.48 -12.07
N ASP A 192 10.43 -10.56 -11.53
CA ASP A 192 10.79 -9.82 -10.30
C ASP A 192 10.67 -8.32 -10.51
N TYR A 193 10.81 -7.89 -11.75
CA TYR A 193 10.82 -6.47 -12.10
C TYR A 193 9.48 -6.01 -12.61
N GLY A 194 8.48 -6.88 -12.54
CA GLY A 194 7.13 -6.52 -12.95
C GLY A 194 6.89 -6.62 -14.44
N ALA A 195 7.84 -7.20 -15.17
CA ALA A 195 7.79 -7.26 -16.62
C ALA A 195 7.42 -8.65 -17.13
N LEU A 196 6.85 -8.70 -18.33
CA LEU A 196 6.50 -9.98 -18.97
C LEU A 196 7.74 -10.76 -19.44
N THR A 197 7.76 -12.05 -19.14
CA THR A 197 8.79 -12.95 -19.62
C THR A 197 8.36 -13.48 -20.99
N PRO A 198 9.30 -14.08 -21.73
CA PRO A 198 8.99 -14.57 -23.08
C PRO A 198 7.90 -15.64 -23.10
N LYS A 199 7.10 -15.63 -24.15
CA LYS A 199 6.08 -16.66 -24.34
C LYS A 199 6.72 -18.05 -24.35
N MET A 200 6.11 -18.96 -23.61
CA MET A 200 6.58 -20.34 -23.54
CA MET A 200 6.58 -20.33 -23.53
C MET A 200 5.46 -21.29 -23.89
N THR A 201 5.85 -22.44 -24.44
CA THR A 201 4.87 -23.49 -24.74
C THR A 201 4.62 -24.33 -23.49
N GLY A 202 3.36 -24.58 -23.18
CA GLY A 202 3.02 -25.37 -22.02
C GLY A 202 3.41 -26.82 -22.16
N VAL A 203 4.09 -27.36 -21.15
CA VAL A 203 4.48 -28.76 -21.14
C VAL A 203 3.60 -29.55 -20.18
N MET A 204 3.17 -30.73 -20.60
CA MET A 204 2.32 -31.56 -19.76
C MET A 204 3.08 -32.17 -18.59
N GLU A 205 2.39 -32.30 -17.46
CA GLU A 205 2.94 -32.97 -16.28
C GLU A 205 3.37 -34.39 -16.63
N LEU B 2 -7.04 22.63 5.90
CA LEU B 2 -6.91 21.18 5.69
C LEU B 2 -7.93 20.38 6.51
N TYR B 3 -8.72 19.58 5.83
CA TYR B 3 -9.67 18.69 6.50
C TYR B 3 -9.62 17.31 5.88
N PHE B 4 -9.66 16.28 6.73
CA PHE B 4 -9.76 14.91 6.26
C PHE B 4 -10.98 14.28 6.88
N ASN B 5 -11.77 13.56 6.09
CA ASN B 5 -12.91 12.85 6.65
C ASN B 5 -12.43 11.79 7.64
N PRO B 6 -12.85 11.93 8.91
CA PRO B 6 -12.45 11.05 10.02
C PRO B 6 -12.74 9.58 9.76
N ARG B 7 -13.78 9.27 8.99
CA ARG B 7 -14.15 7.88 8.72
C ARG B 7 -13.05 7.12 7.98
N PHE B 8 -12.21 7.83 7.25
CA PHE B 8 -11.11 7.20 6.54
C PHE B 8 -10.07 6.65 7.52
N LEU B 9 -10.03 7.20 8.73
CA LEU B 9 -9.09 6.76 9.76
C LEU B 9 -9.81 6.05 10.90
N ALA B 10 -10.92 5.38 10.56
CA ALA B 10 -11.73 4.70 11.56
C ALA B 10 -10.96 3.66 12.36
N ASP B 11 -9.92 3.09 11.75
CA ASP B 11 -9.14 2.04 12.41
C ASP B 11 -7.87 2.56 13.08
N ASP B 12 -7.72 3.89 13.08
CA ASP B 12 -6.62 4.53 13.80
C ASP B 12 -7.18 5.05 15.12
N PRO B 13 -6.91 4.34 16.23
CA PRO B 13 -7.49 4.72 17.51
C PRO B 13 -7.06 6.12 17.96
N GLN B 14 -5.93 6.60 17.44
CA GLN B 14 -5.42 7.93 17.76
C GLN B 14 -5.94 8.98 16.77
N ALA B 15 -6.97 8.61 16.02
CA ALA B 15 -7.48 9.43 14.93
C ALA B 15 -7.66 10.89 15.35
N VAL B 16 -8.33 11.09 16.47
CA VAL B 16 -8.60 12.45 16.94
C VAL B 16 -7.31 13.25 17.03
N ALA B 17 -6.33 12.71 17.74
CA ALA B 17 -5.03 13.36 17.90
C ALA B 17 -4.32 13.54 16.56
N ASP B 18 -4.19 12.45 15.81
CA ASP B 18 -3.49 12.47 14.54
C ASP B 18 -4.12 13.45 13.57
N LEU B 19 -5.44 13.37 13.42
CA LEU B 19 -6.14 14.26 12.51
C LEU B 19 -5.87 15.71 12.85
N SER B 20 -5.98 16.04 14.13
CA SER B 20 -5.75 17.40 14.60
C SER B 20 -4.37 17.87 14.13
N ARG B 21 -3.36 17.07 14.39
CA ARG B 21 -1.99 17.40 13.97
C ARG B 21 -1.86 17.53 12.46
N PHE B 22 -2.39 16.56 11.73
CA PHE B 22 -2.28 16.58 10.27
C PHE B 22 -2.98 17.82 9.69
N GLU B 23 -4.16 18.12 10.23
CA GLU B 23 -4.93 19.25 9.74
C GLU B 23 -4.23 20.57 10.04
N ASN B 24 -3.29 20.53 10.98
CA ASN B 24 -2.47 21.69 11.31
C ASN B 24 -1.10 21.70 10.62
N GLY B 25 -0.93 20.83 9.63
CA GLY B 25 0.27 20.87 8.80
C GLY B 25 1.40 19.90 9.16
N GLN B 26 1.22 19.14 10.24
CA GLN B 26 2.26 18.21 10.68
C GLN B 26 2.42 17.05 9.69
N GLU B 27 3.65 16.64 9.44
CA GLU B 27 3.93 15.55 8.51
C GLU B 27 3.84 14.19 9.15
N LEU B 28 4.34 14.08 10.38
CA LEU B 28 4.55 12.78 11.00
C LEU B 28 4.16 12.82 12.46
N PRO B 29 3.35 11.85 12.89
CA PRO B 29 2.93 11.81 14.30
C PRO B 29 4.06 11.33 15.18
N PRO B 30 3.91 11.50 16.50
CA PRO B 30 4.87 10.87 17.42
C PRO B 30 4.84 9.36 17.21
N GLY B 31 5.97 8.71 17.41
CA GLY B 31 6.05 7.27 17.24
C GLY B 31 7.49 6.85 17.15
N THR B 32 7.73 5.55 16.96
CA THR B 32 9.09 5.02 16.87
C THR B 32 9.36 4.60 15.44
N TYR B 33 10.40 5.16 14.85
CA TYR B 33 10.66 5.00 13.42
C TYR B 33 12.08 4.56 13.17
N ARG B 34 12.27 3.70 12.16
CA ARG B 34 13.59 3.34 11.69
C ARG B 34 14.17 4.49 10.88
N VAL B 35 15.27 5.08 11.35
CA VAL B 35 15.83 6.26 10.70
C VAL B 35 17.33 6.10 10.52
N ASP B 36 17.88 6.83 9.55
CA ASP B 36 19.32 6.95 9.38
C ASP B 36 19.76 8.17 10.17
N ILE B 37 20.69 7.98 11.11
CA ILE B 37 21.14 9.09 11.94
C ILE B 37 22.46 9.64 11.44
N TYR B 38 22.49 10.94 11.19
CA TYR B 38 23.72 11.64 10.82
C TYR B 38 24.04 12.64 11.91
N LEU B 39 25.34 12.78 12.23
CA LEU B 39 25.78 13.81 13.16
C LEU B 39 26.91 14.60 12.49
N ASN B 40 26.73 15.90 12.37
CA ASN B 40 27.73 16.74 11.73
C ASN B 40 28.06 16.23 10.33
N ASN B 41 27.01 15.83 9.62
CA ASN B 41 27.12 15.34 8.24
CA ASN B 41 27.11 15.33 8.25
C ASN B 41 27.75 13.96 8.12
N GLY B 42 28.03 13.32 9.26
CA GLY B 42 28.59 11.98 9.26
C GLY B 42 27.58 10.90 9.60
N TYR B 43 27.50 9.85 8.77
CA TYR B 43 26.59 8.76 9.04
C TYR B 43 26.96 7.99 10.31
N MET B 44 26.00 7.89 11.24
CA MET B 44 26.26 7.24 12.53
C MET B 44 25.68 5.84 12.58
N ALA B 45 24.40 5.72 12.25
CA ALA B 45 23.72 4.43 12.34
C ALA B 45 22.32 4.49 11.76
N THR B 46 21.75 3.30 11.54
CA THR B 46 20.36 3.16 11.14
C THR B 46 19.69 2.29 12.19
N ARG B 47 18.72 2.85 12.89
CA ARG B 47 18.05 2.10 13.95
C ARG B 47 16.78 2.81 14.35
N ASP B 48 16.00 2.17 15.22
CA ASP B 48 14.78 2.79 15.71
C ASP B 48 15.12 3.98 16.57
N VAL B 49 14.41 5.08 16.35
CA VAL B 49 14.45 6.23 17.25
C VAL B 49 13.02 6.63 17.55
N THR B 50 12.74 6.85 18.84
CA THR B 50 11.42 7.27 19.26
C THR B 50 11.29 8.78 19.18
N PHE B 51 10.22 9.23 18.51
CA PHE B 51 9.93 10.66 18.39
C PHE B 51 8.71 11.03 19.22
N ASN B 52 8.84 12.07 20.03
CA ASN B 52 7.76 12.52 20.90
C ASN B 52 7.32 13.90 20.50
N THR B 53 6.09 14.28 20.86
CA THR B 53 5.65 15.66 20.64
C THR B 53 6.62 16.63 21.31
N GLY B 54 6.94 17.72 20.62
CA GLY B 54 7.90 18.68 21.15
C GLY B 54 7.77 20.05 20.54
N ASP B 55 8.53 20.99 21.09
CA ASP B 55 8.50 22.37 20.61
C ASP B 55 9.38 22.56 19.39
N SER B 56 9.34 21.56 18.50
CA SER B 56 10.03 21.63 17.23
C SER B 56 9.10 22.17 16.14
N GLU B 57 9.69 22.67 15.06
CA GLU B 57 8.91 23.16 13.93
C GLU B 57 8.01 22.06 13.36
N GLN B 58 8.52 20.82 13.33
CA GLN B 58 7.76 19.71 12.80
C GLN B 58 6.89 19.02 13.85
N GLY B 59 6.87 19.58 15.06
CA GLY B 59 5.99 19.13 16.11
C GLY B 59 6.45 17.91 16.88
N ILE B 60 7.54 17.30 16.44
CA ILE B 60 8.09 16.13 17.12
C ILE B 60 9.60 16.25 17.30
N VAL B 61 10.14 15.54 18.29
CA VAL B 61 11.56 15.59 18.60
C VAL B 61 12.08 14.20 18.98
N PRO B 62 13.31 13.88 18.58
CA PRO B 62 13.86 12.56 18.88
C PRO B 62 14.24 12.41 20.34
N CYS B 63 14.04 11.22 20.88
CA CYS B 63 14.54 10.88 22.21
C CYS B 63 15.90 10.22 22.09
N LEU B 64 16.96 10.95 22.44
CA LEU B 64 18.31 10.40 22.43
C LEU B 64 18.88 10.43 23.85
N THR B 65 19.40 9.31 24.31
CA THR B 65 19.93 9.22 25.67
C THR B 65 21.36 9.73 25.76
N ARG B 66 21.82 10.00 26.98
CA ARG B 66 23.21 10.40 27.21
C ARG B 66 24.20 9.41 26.59
N ALA B 67 23.98 8.12 26.84
CA ALA B 67 24.85 7.07 26.30
C ALA B 67 24.85 7.05 24.77
N GLN B 68 23.67 7.23 24.18
CA GLN B 68 23.58 7.30 22.73
C GLN B 68 24.37 8.48 22.16
N LEU B 69 24.20 9.66 22.76
CA LEU B 69 24.93 10.83 22.30
C LEU B 69 26.44 10.64 22.47
N ALA B 70 26.85 10.06 23.60
CA ALA B 70 28.27 9.82 23.84
C ALA B 70 28.86 8.88 22.79
N SER B 71 28.11 7.85 22.41
CA SER B 71 28.58 6.89 21.44
C SER B 71 28.78 7.53 20.07
N MET B 72 28.13 8.67 19.85
CA MET B 72 28.28 9.36 18.58
CA MET B 72 28.24 9.39 18.59
C MET B 72 29.36 10.43 18.65
N GLY B 73 30.02 10.53 19.80
CA GLY B 73 31.15 11.43 19.94
C GLY B 73 30.98 12.60 20.87
N LEU B 74 29.78 12.79 21.44
CA LEU B 74 29.56 13.88 22.36
C LEU B 74 30.37 13.70 23.64
N ASN B 75 31.06 14.76 24.05
CA ASN B 75 31.75 14.79 25.33
C ASN B 75 30.77 15.22 26.40
N THR B 76 30.11 14.26 27.02
CA THR B 76 28.98 14.57 27.89
C THR B 76 29.39 15.39 29.10
N ALA B 77 30.63 15.20 29.56
CA ALA B 77 31.14 15.97 30.68
C ALA B 77 31.20 17.47 30.35
N SER B 78 31.22 17.80 29.06
CA SER B 78 31.35 19.19 28.64
C SER B 78 30.02 19.93 28.58
N VAL B 79 28.93 19.19 28.77
CA VAL B 79 27.61 19.79 28.75
C VAL B 79 27.07 19.91 30.17
N ALA B 80 26.82 21.15 30.59
CA ALA B 80 26.38 21.41 31.95
C ALA B 80 25.10 20.68 32.28
N GLY B 81 25.13 19.91 33.37
CA GLY B 81 23.94 19.27 33.86
C GLY B 81 23.61 17.94 33.21
N MET B 82 24.33 17.56 32.16
CA MET B 82 24.01 16.29 31.51
C MET B 82 24.24 15.11 32.46
N ASN B 83 25.16 15.27 33.41
CA ASN B 83 25.44 14.20 34.36
C ASN B 83 24.27 13.93 35.31
N LEU B 84 23.33 14.87 35.39
CA LEU B 84 22.20 14.72 36.32
C LEU B 84 21.05 13.90 35.72
N LEU B 85 21.09 13.66 34.41
CA LEU B 85 19.98 12.96 33.76
C LEU B 85 20.05 11.45 33.94
N ALA B 86 18.88 10.81 33.95
CA ALA B 86 18.84 9.36 34.11
C ALA B 86 19.38 8.70 32.85
N ASP B 87 19.83 7.45 32.97
CA ASP B 87 20.37 6.72 31.84
C ASP B 87 19.41 6.70 30.65
N ASP B 88 18.12 6.52 30.93
CA ASP B 88 17.12 6.38 29.89
C ASP B 88 16.44 7.69 29.54
N ALA B 89 16.84 8.78 30.18
CA ALA B 89 16.23 10.07 29.89
C ALA B 89 16.48 10.52 28.46
N CYS B 90 15.48 11.18 27.89
CA CYS B 90 15.64 11.89 26.62
C CYS B 90 16.42 13.18 26.89
N VAL B 91 17.60 13.30 26.31
CA VAL B 91 18.41 14.50 26.46
C VAL B 91 17.85 15.64 25.61
N PRO B 92 17.51 16.78 26.24
CA PRO B 92 17.02 17.95 25.49
C PRO B 92 18.19 18.61 24.77
N LEU B 93 18.69 17.94 23.74
CA LEU B 93 19.91 18.34 23.04
C LEU B 93 19.99 19.81 22.63
N THR B 94 18.96 20.31 21.97
CA THR B 94 19.05 21.63 21.35
C THR B 94 18.91 22.79 22.34
N THR B 95 18.48 22.50 23.56
CA THR B 95 18.43 23.56 24.57
C THR B 95 19.62 23.49 25.52
N MET B 96 20.10 22.27 25.81
CA MET B 96 21.25 22.08 26.69
C MET B 96 22.57 22.40 26.02
N VAL B 97 22.63 22.24 24.71
CA VAL B 97 23.82 22.57 23.95
C VAL B 97 23.50 23.69 22.98
N GLN B 98 24.08 24.86 23.23
CA GLN B 98 23.82 26.02 22.38
C GLN B 98 24.25 25.73 20.95
N ASP B 99 23.35 26.03 20.02
CA ASP B 99 23.63 25.90 18.58
C ASP B 99 23.62 24.46 18.10
N ALA B 100 23.30 23.51 18.98
CA ALA B 100 23.06 22.15 18.53
C ALA B 100 21.72 22.14 17.78
N THR B 101 21.62 21.33 16.74
CA THR B 101 20.36 21.25 15.99
C THR B 101 19.92 19.80 15.76
N ALA B 102 18.64 19.64 15.49
CA ALA B 102 18.08 18.34 15.13
C ALA B 102 16.94 18.55 14.16
N HIS B 103 16.97 17.85 13.03
CA HIS B 103 15.91 17.94 12.05
C HIS B 103 15.65 16.58 11.42
N LEU B 104 14.38 16.20 11.31
CA LEU B 104 14.04 14.94 10.65
C LEU B 104 13.53 15.21 9.24
N ASP B 105 14.19 14.62 8.25
CA ASP B 105 13.67 14.62 6.89
CA ASP B 105 13.70 14.60 6.88
C ASP B 105 12.71 13.44 6.83
N VAL B 106 11.41 13.75 6.86
CA VAL B 106 10.39 12.71 6.95
C VAL B 106 10.36 11.80 5.72
N GLY B 107 10.49 12.41 4.55
CA GLY B 107 10.50 11.63 3.31
C GLY B 107 11.55 10.54 3.26
N GLN B 108 12.76 10.83 3.73
CA GLN B 108 13.78 9.80 3.70
CA GLN B 108 13.86 9.88 3.73
C GLN B 108 14.02 9.17 5.07
N GLN B 109 13.28 9.64 6.07
CA GLN B 109 13.50 9.21 7.44
CA GLN B 109 13.51 9.21 7.46
C GLN B 109 14.98 9.33 7.79
N ARG B 110 15.52 10.52 7.56
CA ARG B 110 16.92 10.80 7.88
C ARG B 110 16.95 11.84 8.99
N LEU B 111 17.56 11.50 10.12
CA LEU B 111 17.65 12.40 11.25
C LEU B 111 19.02 13.07 11.24
N ASN B 112 19.03 14.36 10.98
CA ASN B 112 20.26 15.13 10.90
C ASN B 112 20.48 15.90 12.19
N LEU B 113 21.57 15.57 12.88
CA LEU B 113 21.93 16.27 14.11
C LEU B 113 23.20 17.05 13.85
N THR B 114 23.33 18.22 14.48
CA THR B 114 24.62 18.90 14.52
C THR B 114 24.96 19.25 15.96
N ILE B 115 26.22 19.08 16.31
CA ILE B 115 26.70 19.48 17.64
C ILE B 115 28.00 20.23 17.39
N PRO B 116 28.13 21.44 17.98
CA PRO B 116 29.37 22.21 17.76
C PRO B 116 30.61 21.44 18.18
N GLN B 117 31.68 21.59 17.40
CA GLN B 117 32.90 20.84 17.63
C GLN B 117 33.42 20.98 19.07
N ALA B 118 33.15 22.11 19.69
CA ALA B 118 33.63 22.38 21.05
C ALA B 118 33.12 21.37 22.07
N PHE B 119 32.01 20.69 21.76
CA PHE B 119 31.41 19.73 22.68
C PHE B 119 31.73 18.28 22.31
N MET B 120 32.49 18.08 21.24
CA MET B 120 32.81 16.74 20.79
C MET B 120 34.09 16.20 21.42
N SER B 121 34.13 14.89 21.66
CA SER B 121 35.27 14.27 22.33
CA SER B 121 35.27 14.27 22.33
C SER B 121 36.52 14.28 21.47
N ASN B 122 36.36 14.10 20.17
CA ASN B 122 37.50 14.07 19.25
C ASN B 122 37.30 14.95 18.03
N ASP C 1 9.44 -1.34 -11.28
CA ASP C 1 8.89 -0.31 -12.16
C ASP C 1 7.70 0.35 -11.47
N ASN C 2 7.44 1.61 -11.79
CA ASN C 2 6.34 2.34 -11.17
C ASN C 2 4.97 1.74 -11.49
N GLY C 3 4.03 1.86 -10.54
CA GLY C 3 2.64 1.52 -10.79
C GLY C 3 1.97 2.71 -11.46
N CYS C 4 0.71 2.94 -11.11
CA CYS C 4 -0.06 4.04 -11.68
C CYS C 4 -0.36 5.07 -10.60
N SER C 5 -0.29 6.35 -10.96
CA SER C 5 -0.78 7.38 -10.06
C SER C 5 -2.30 7.42 -10.16
N VAL C 6 -2.99 7.46 -9.03
CA VAL C 6 -4.46 7.37 -9.06
C VAL C 6 -5.15 8.64 -8.61
N ALA C 7 -6.05 9.14 -9.45
CA ALA C 7 -6.85 10.31 -9.11
C ALA C 7 -8.30 9.87 -9.23
N ALA C 8 -8.97 9.78 -8.08
CA ALA C 8 -10.38 9.39 -8.05
C ALA C 8 -11.27 10.61 -8.06
N GLU C 9 -12.35 10.54 -8.83
CA GLU C 9 -13.33 11.60 -8.88
C GLU C 9 -14.36 11.34 -7.78
N SER C 10 -14.75 12.37 -7.04
CA SER C 10 -15.83 12.21 -6.06
CA SER C 10 -15.82 12.23 -6.05
C SER C 10 -17.16 12.33 -6.78
N THR C 11 -18.23 11.94 -6.11
CA THR C 11 -19.55 12.03 -6.73
C THR C 11 -20.43 12.94 -5.89
N ASN C 12 -21.12 13.85 -6.56
CA ASN C 12 -22.07 14.76 -5.92
C ASN C 12 -23.48 14.24 -6.14
N PHE C 13 -24.35 14.37 -5.14
CA PHE C 13 -25.52 13.50 -5.07
C PHE C 13 -26.94 14.05 -5.07
N ILE C 28 -38.22 1.44 -1.87
CA ILE C 28 -37.70 0.09 -1.72
C ILE C 28 -37.31 -0.50 -3.08
N GLY C 29 -36.05 -0.30 -3.44
CA GLY C 29 -35.56 -0.70 -4.74
C GLY C 29 -35.51 0.48 -5.68
N ALA C 30 -36.24 1.54 -5.32
CA ALA C 30 -36.30 2.76 -6.12
C ALA C 30 -34.94 3.44 -6.17
N THR C 31 -34.53 3.86 -7.36
CA THR C 31 -33.21 4.43 -7.54
C THR C 31 -33.25 5.85 -8.09
N THR C 32 -32.20 6.61 -7.83
CA THR C 32 -32.00 7.90 -8.48
C THR C 32 -31.20 7.67 -9.77
N PRO C 33 -31.15 8.67 -10.65
CA PRO C 33 -30.41 8.47 -11.91
C PRO C 33 -28.92 8.27 -11.65
N VAL C 34 -28.28 7.40 -12.44
CA VAL C 34 -26.85 7.17 -12.33
C VAL C 34 -26.04 8.46 -12.53
N VAL C 35 -24.98 8.61 -11.75
CA VAL C 35 -24.03 9.71 -11.90
C VAL C 35 -22.67 9.09 -12.20
N PRO C 36 -22.06 9.50 -13.33
CA PRO C 36 -20.78 8.87 -13.67
C PRO C 36 -19.64 9.44 -12.84
N PHE C 37 -18.65 8.60 -12.55
CA PHE C 37 -17.39 9.08 -12.00
C PHE C 37 -16.28 8.19 -12.52
N ARG C 38 -15.07 8.75 -12.60
CA ARG C 38 -13.94 7.98 -13.08
C ARG C 38 -12.86 7.86 -12.02
N ILE C 39 -12.05 6.83 -12.16
CA ILE C 39 -10.81 6.72 -11.42
C ILE C 39 -9.74 6.63 -12.48
N LEU C 40 -8.89 7.65 -12.52
CA LEU C 40 -7.89 7.79 -13.57
C LEU C 40 -6.52 7.31 -13.09
N LEU C 41 -6.00 6.30 -13.76
CA LEU C 41 -4.66 5.80 -13.51
C LEU C 41 -3.74 6.43 -14.54
N SER C 42 -2.95 7.42 -14.11
CA SER C 42 -2.12 8.18 -15.04
C SER C 42 -1.17 9.10 -14.28
N PRO C 43 0.14 9.03 -14.57
CA PRO C 43 0.81 8.12 -15.50
C PRO C 43 0.81 6.67 -14.99
N CYS C 44 1.18 5.73 -15.85
CA CYS C 44 1.38 4.34 -15.45
C CYS C 44 2.74 3.87 -15.92
N GLY C 45 3.41 3.06 -15.11
CA GLY C 45 4.68 2.48 -15.51
C GLY C 45 4.63 1.66 -16.78
N ASN C 46 5.76 1.55 -17.47
CA ASN C 46 5.82 0.86 -18.75
C ASN C 46 5.46 -0.62 -18.64
N ALA C 47 5.56 -1.17 -17.44
CA ALA C 47 5.37 -2.60 -17.29
C ALA C 47 4.06 -3.02 -16.62
N VAL C 48 3.13 -2.08 -16.40
CA VAL C 48 1.85 -2.48 -15.82
C VAL C 48 1.16 -3.42 -16.80
N SER C 49 0.34 -4.32 -16.27
CA SER C 49 -0.31 -5.35 -17.08
C SER C 49 -1.79 -5.45 -16.74
N ALA C 50 -2.08 -5.71 -15.47
CA ALA C 50 -3.46 -5.84 -15.02
C ALA C 50 -3.59 -5.47 -13.55
N VAL C 51 -4.79 -5.11 -13.15
CA VAL C 51 -5.08 -4.85 -11.74
C VAL C 51 -6.40 -5.49 -11.38
N LYS C 52 -6.53 -5.97 -10.15
CA LYS C 52 -7.82 -6.35 -9.61
C LYS C 52 -8.37 -5.20 -8.81
N VAL C 53 -9.54 -4.70 -9.16
CA VAL C 53 -10.07 -3.52 -8.48
C VAL C 53 -11.38 -3.80 -7.77
N GLY C 54 -11.57 -3.16 -6.63
CA GLY C 54 -12.78 -3.37 -5.86
C GLY C 54 -13.08 -2.23 -4.92
N PHE C 55 -14.30 -2.20 -4.40
CA PHE C 55 -14.71 -1.16 -3.47
C PHE C 55 -15.01 -1.80 -2.13
N THR C 56 -14.55 -1.17 -1.06
CA THR C 56 -14.84 -1.60 0.29
C THR C 56 -15.40 -0.43 1.09
N GLY C 57 -16.20 -0.74 2.10
CA GLY C 57 -16.80 0.29 2.92
C GLY C 57 -17.82 -0.34 3.83
N VAL C 58 -18.48 0.50 4.64
CA VAL C 58 -19.49 -0.01 5.56
C VAL C 58 -20.79 -0.28 4.80
N ALA C 59 -21.23 -1.53 4.79
CA ALA C 59 -22.43 -1.92 4.04
C ALA C 59 -23.68 -1.47 4.78
N ASP C 60 -24.68 -1.02 4.03
CA ASP C 60 -25.96 -0.66 4.60
C ASP C 60 -26.57 -1.89 5.29
N SER C 61 -27.20 -1.66 6.44
CA SER C 61 -27.73 -2.77 7.23
C SER C 61 -28.85 -3.54 6.53
N HIS C 62 -29.55 -2.86 5.62
CA HIS C 62 -30.65 -3.48 4.88
C HIS C 62 -30.18 -4.16 3.62
N ASN C 63 -29.05 -3.72 3.08
CA ASN C 63 -28.52 -4.27 1.84
C ASN C 63 -26.99 -4.29 1.81
N ALA C 64 -26.43 -5.49 1.81
CA ALA C 64 -24.98 -5.68 1.91
C ALA C 64 -24.20 -5.12 0.73
N ASN C 65 -24.86 -5.00 -0.42
CA ASN C 65 -24.20 -4.46 -1.61
C ASN C 65 -24.44 -2.97 -1.78
N LEU C 66 -25.12 -2.37 -0.81
CA LEU C 66 -25.23 -0.92 -0.76
C LEU C 66 -24.28 -0.33 0.26
N LEU C 67 -23.67 0.79 -0.10
CA LEU C 67 -22.82 1.53 0.81
C LEU C 67 -23.69 2.33 1.77
N ALA C 68 -23.42 2.22 3.07
CA ALA C 68 -24.21 2.95 4.06
C ALA C 68 -23.86 4.43 4.07
N LEU C 69 -24.87 5.27 4.27
CA LEU C 69 -24.65 6.70 4.45
C LEU C 69 -24.18 7.00 5.86
N GLU C 70 -23.42 8.07 6.02
CA GLU C 70 -23.03 8.53 7.35
C GLU C 70 -24.26 8.93 8.15
N ASN C 71 -24.26 8.56 9.44
CA ASN C 71 -25.41 8.80 10.31
C ASN C 71 -25.18 9.96 11.29
N THR C 72 -25.83 11.09 11.02
CA THR C 72 -25.72 12.25 11.89
C THR C 72 -27.09 12.84 12.20
N VAL C 73 -27.10 13.93 12.98
CA VAL C 73 -28.35 14.58 13.38
C VAL C 73 -29.15 15.05 12.17
N SER C 74 -28.45 15.45 11.11
CA SER C 74 -29.09 16.03 9.94
C SER C 74 -29.07 15.10 8.73
N ALA C 75 -28.70 13.85 8.96
CA ALA C 75 -28.54 12.89 7.87
C ALA C 75 -29.86 12.38 7.30
N ALA C 76 -29.84 11.94 6.04
CA ALA C 76 -30.98 11.28 5.43
C ALA C 76 -31.02 9.82 5.83
N SER C 77 -32.13 9.14 5.60
CA SER C 77 -32.23 7.72 5.90
C SER C 77 -33.24 6.98 5.03
N GLY C 78 -33.15 5.66 5.01
CA GLY C 78 -33.94 4.84 4.12
C GLY C 78 -33.26 4.71 2.78
N LEU C 79 -32.03 5.21 2.69
CA LEU C 79 -31.27 5.22 1.44
C LEU C 79 -29.85 4.71 1.62
N GLY C 80 -29.35 4.00 0.62
CA GLY C 80 -27.95 3.61 0.54
C GLY C 80 -27.40 3.91 -0.84
N ILE C 81 -26.09 3.85 -1.00
CA ILE C 81 -25.47 4.12 -2.29
C ILE C 81 -25.10 2.83 -3.03
N GLN C 82 -25.56 2.72 -4.27
CA GLN C 82 -25.19 1.60 -5.12
C GLN C 82 -24.08 2.03 -6.09
N LEU C 83 -23.08 1.18 -6.25
CA LEU C 83 -22.01 1.43 -7.23
C LEU C 83 -22.16 0.48 -8.41
N LEU C 84 -21.93 1.00 -9.62
CA LEU C 84 -22.07 0.23 -10.83
CA LEU C 84 -22.06 0.22 -10.83
C LEU C 84 -20.81 0.36 -11.69
N ASN C 85 -20.51 -0.68 -12.46
CA ASN C 85 -19.39 -0.60 -13.40
C ASN C 85 -19.83 0.12 -14.67
N GLU C 86 -18.95 0.19 -15.67
CA GLU C 86 -19.28 0.98 -16.86
C GLU C 86 -20.49 0.41 -17.60
N GLN C 87 -20.73 -0.88 -17.43
CA GLN C 87 -21.88 -1.52 -18.07
CA GLN C 87 -21.88 -1.52 -18.07
C GLN C 87 -23.14 -1.40 -17.20
N GLN C 88 -23.03 -0.62 -16.12
CA GLN C 88 -24.13 -0.41 -15.18
C GLN C 88 -24.60 -1.69 -14.49
N ASN C 89 -23.70 -2.64 -14.34
CA ASN C 89 -23.95 -3.79 -13.48
C ASN C 89 -23.47 -3.49 -12.07
N GLN C 90 -24.18 -3.99 -11.08
CA GLN C 90 -23.85 -3.70 -9.69
C GLN C 90 -22.46 -4.22 -9.33
N ILE C 91 -21.69 -3.39 -8.64
CA ILE C 91 -20.40 -3.81 -8.11
C ILE C 91 -20.61 -4.36 -6.70
N PRO C 92 -20.07 -5.56 -6.44
CA PRO C 92 -20.22 -6.16 -5.11
C PRO C 92 -19.36 -5.46 -4.07
N LEU C 93 -19.97 -4.83 -3.08
CA LEU C 93 -19.22 -4.16 -2.02
C LEU C 93 -18.50 -5.19 -1.15
N ASN C 94 -17.24 -4.91 -0.81
CA ASN C 94 -16.46 -5.77 0.07
C ASN C 94 -16.23 -7.18 -0.47
N ALA C 95 -16.26 -7.32 -1.79
CA ALA C 95 -15.97 -8.60 -2.42
C ALA C 95 -14.52 -9.02 -2.12
N PRO C 96 -14.31 -10.30 -1.81
CA PRO C 96 -12.97 -10.83 -1.60
C PRO C 96 -12.19 -10.86 -2.91
N SER C 97 -10.87 -10.77 -2.82
CA SER C 97 -10.02 -10.79 -4.01
C SER C 97 -10.31 -11.98 -4.93
N SER C 98 -10.66 -13.11 -4.33
CA SER C 98 -10.99 -14.31 -5.10
C SER C 98 -12.21 -14.12 -6.01
N ALA C 99 -13.04 -13.15 -5.67
CA ALA C 99 -14.27 -12.90 -6.42
C ALA C 99 -14.09 -11.85 -7.51
N LEU C 100 -12.94 -11.20 -7.54
CA LEU C 100 -12.68 -10.13 -8.48
C LEU C 100 -12.01 -10.63 -9.76
N SER C 101 -12.40 -10.07 -10.90
CA SER C 101 -11.75 -10.40 -12.16
CA SER C 101 -11.75 -10.40 -12.16
C SER C 101 -10.62 -9.39 -12.43
N TRP C 102 -9.76 -9.72 -13.38
CA TRP C 102 -8.66 -8.84 -13.73
C TRP C 102 -9.09 -7.77 -14.72
N THR C 103 -8.69 -6.53 -14.46
CA THR C 103 -8.86 -5.43 -15.39
C THR C 103 -7.55 -5.21 -16.13
N THR C 104 -7.57 -5.38 -17.44
CA THR C 104 -6.37 -5.21 -18.26
CA THR C 104 -6.35 -5.20 -18.22
C THR C 104 -5.98 -3.73 -18.34
N LEU C 105 -4.69 -3.45 -18.30
CA LEU C 105 -4.19 -2.08 -18.42
C LEU C 105 -3.34 -1.92 -19.68
N THR C 106 -3.42 -0.74 -20.29
CA THR C 106 -2.51 -0.41 -21.37
C THR C 106 -1.16 -0.02 -20.76
N PRO C 107 -0.12 -0.82 -21.03
CA PRO C 107 1.20 -0.58 -20.44
C PRO C 107 1.74 0.81 -20.76
N GLY C 108 2.22 1.50 -19.73
CA GLY C 108 2.92 2.76 -19.90
C GLY C 108 2.04 3.94 -20.28
N LYS C 109 0.73 3.74 -20.24
CA LYS C 109 -0.20 4.76 -20.72
C LYS C 109 -1.29 5.04 -19.69
N PRO C 110 -2.00 6.17 -19.86
CA PRO C 110 -3.14 6.43 -18.98
C PRO C 110 -4.23 5.37 -19.13
N ASN C 111 -4.82 4.98 -18.01
CA ASN C 111 -5.91 4.03 -18.01
C ASN C 111 -7.05 4.61 -17.21
N THR C 112 -8.21 4.77 -17.84
CA THR C 112 -9.36 5.33 -17.15
C THR C 112 -10.34 4.23 -16.80
N LEU C 113 -10.78 4.22 -15.55
CA LEU C 113 -11.79 3.28 -15.10
C LEU C 113 -13.07 4.05 -14.83
N ASN C 114 -14.16 3.62 -15.45
CA ASN C 114 -15.43 4.35 -15.41
C ASN C 114 -16.47 3.62 -14.57
N PHE C 115 -17.13 4.38 -13.69
CA PHE C 115 -18.14 3.83 -12.79
C PHE C 115 -19.36 4.74 -12.75
N TYR C 116 -20.40 4.25 -12.09
CA TYR C 116 -21.55 5.08 -11.74
C TYR C 116 -21.89 4.91 -10.27
N ALA C 117 -22.46 5.95 -9.68
CA ALA C 117 -23.07 5.81 -8.36
C ALA C 117 -24.52 6.28 -8.46
N ARG C 118 -25.38 5.68 -7.65
CA ARG C 118 -26.74 6.18 -7.50
C ARG C 118 -27.24 5.85 -6.11
N LEU C 119 -28.39 6.40 -5.75
CA LEU C 119 -29.00 6.15 -4.46
C LEU C 119 -30.13 5.18 -4.64
N MET C 120 -30.31 4.27 -3.68
CA MET C 120 -31.40 3.31 -3.74
C MET C 120 -32.12 3.30 -2.40
N ALA C 121 -33.45 3.24 -2.45
CA ALA C 121 -34.26 3.21 -1.24
C ALA C 121 -34.19 1.86 -0.55
N THR C 122 -34.01 1.90 0.77
CA THR C 122 -34.01 0.69 1.59
C THR C 122 -35.27 0.67 2.44
N GLN C 123 -35.79 1.86 2.74
CA GLN C 123 -37.00 2.00 3.54
C GLN C 123 -37.90 3.10 2.99
N VAL C 124 -39.19 2.80 2.89
CA VAL C 124 -40.18 3.80 2.54
C VAL C 124 -41.09 4.06 3.73
N PRO C 125 -41.34 5.34 4.05
CA PRO C 125 -40.85 6.50 3.30
C PRO C 125 -39.41 6.85 3.62
N VAL C 126 -38.65 7.21 2.59
CA VAL C 126 -37.31 7.74 2.78
C VAL C 126 -37.42 9.10 3.46
N THR C 127 -36.51 9.39 4.36
CA THR C 127 -36.49 10.70 5.01
C THR C 127 -35.34 11.55 4.50
N ALA C 128 -35.60 12.83 4.27
CA ALA C 128 -34.61 13.73 3.71
C ALA C 128 -33.49 14.04 4.70
N GLY C 129 -32.43 14.66 4.19
CA GLY C 129 -31.27 14.99 5.00
C GLY C 129 -30.00 14.91 4.20
N HIS C 130 -28.90 15.36 4.78
CA HIS C 130 -27.61 15.33 4.08
C HIS C 130 -27.23 13.91 3.68
N ILE C 131 -26.66 13.77 2.49
CA ILE C 131 -26.23 12.47 1.98
C ILE C 131 -24.71 12.46 1.79
N ASN C 132 -24.02 11.80 2.70
CA ASN C 132 -22.57 11.72 2.63
C ASN C 132 -22.08 10.31 2.89
N ALA C 133 -21.02 9.91 2.19
CA ALA C 133 -20.47 8.58 2.40
C ALA C 133 -19.01 8.56 2.00
N THR C 134 -18.31 7.52 2.47
CA THR C 134 -16.93 7.31 2.07
C THR C 134 -16.78 5.85 1.67
N ALA C 135 -15.83 5.59 0.78
CA ALA C 135 -15.52 4.21 0.41
C ALA C 135 -14.05 4.15 0.03
N THR C 136 -13.54 2.93 -0.09
CA THR C 136 -12.14 2.75 -0.45
C THR C 136 -12.07 1.86 -1.68
N PHE C 137 -11.35 2.35 -2.68
CA PHE C 137 -11.12 1.64 -3.93
C PHE C 137 -9.74 1.01 -3.82
N THR C 138 -9.66 -0.30 -3.98
CA THR C 138 -8.37 -0.98 -3.93
C THR C 138 -7.95 -1.39 -5.33
N LEU C 139 -6.68 -1.12 -5.66
CA LEU C 139 -6.10 -1.64 -6.89
C LEU C 139 -5.00 -2.62 -6.52
N GLU C 140 -5.20 -3.89 -6.82
CA GLU C 140 -4.17 -4.89 -6.61
C GLU C 140 -3.42 -5.18 -7.90
N TYR C 141 -2.13 -4.90 -7.90
CA TYR C 141 -1.31 -5.09 -9.10
C TYR C 141 -1.00 -6.54 -9.35
N GLN C 142 -1.12 -6.96 -10.61
CA GLN C 142 -0.67 -8.31 -10.97
C GLN C 142 0.83 -8.41 -10.76
C1 EDO D . -1.39 -29.53 -21.44
O1 EDO D . 0.01 -29.71 -21.67
C2 EDO D . -2.08 -30.88 -21.43
O2 EDO D . -1.50 -31.69 -20.42
C1 EDO E . -8.70 -0.55 4.67
O1 EDO E . -9.56 0.48 4.15
C2 EDO E . -8.76 -0.56 6.19
O2 EDO E . -8.02 0.55 6.71
C1 EDO F . -2.61 -13.11 -11.60
O1 EDO F . -1.53 -13.68 -12.34
C2 EDO F . -3.18 -14.13 -10.61
O2 EDO F . -4.61 -14.22 -10.74
C1 EDO G . -6.30 -11.91 1.48
O1 EDO G . -6.87 -12.75 0.47
C2 EDO G . -7.41 -11.08 2.13
O2 EDO G . -8.29 -11.92 2.89
C1 EDO H . 13.30 -13.46 -12.77
O1 EDO H . 12.27 -12.76 -12.04
C2 EDO H . 14.61 -12.70 -12.67
O2 EDO H . 15.09 -12.73 -11.33
C1 EDO I . 9.50 -16.12 -10.61
O1 EDO I . 8.87 -14.94 -11.14
C2 EDO I . 10.85 -15.72 -10.03
O2 EDO I . 11.69 -15.24 -11.10
C1 EDO J . 20.35 -16.35 -3.01
O1 EDO J . 19.70 -15.13 -2.62
C2 EDO J . 21.72 -16.43 -2.36
O2 EDO J . 21.66 -17.21 -1.16
C1 EDO K . -2.27 4.13 10.70
O1 EDO K . -3.35 3.41 11.29
C2 EDO K . -1.03 3.25 10.56
O2 EDO K . -1.21 2.25 9.54
C1 PEG L . -4.65 -0.35 9.72
O1 PEG L . -3.33 -0.34 10.25
C2 PEG L . -4.86 -1.60 8.86
O2 PEG L . -6.18 -1.62 8.31
C3 PEG L . -6.34 -2.81 7.52
C4 PEG L . -6.13 -4.06 8.38
O4 PEG L . -6.30 -5.24 7.59
C1 EDO M . 8.71 0.94 13.23
O1 EDO M . 8.01 0.07 14.13
C2 EDO M . 10.16 1.10 13.65
O2 EDO M . 10.79 -0.19 13.69
C1 EDO N . 16.80 18.36 21.10
O1 EDO N . 15.94 18.97 22.08
C2 EDO N . 16.06 17.25 20.38
O2 EDO N . 15.56 16.32 21.36
C1 EDO O . -18.68 -10.84 -3.12
O1 EDO O . -19.29 -10.04 -2.11
C2 EDO O . -19.61 -10.94 -4.33
O2 EDO O . -18.86 -11.38 -5.47
C1 EDO P . -4.96 -12.37 -7.10
O1 EDO P . -5.40 -11.83 -5.85
C2 EDO P . -3.79 -13.29 -6.81
O2 EDO P . -4.08 -13.98 -5.58
C1 EDO Q . -19.43 5.63 -16.45
O1 EDO Q . -18.62 6.59 -15.79
C2 EDO Q . -19.75 6.14 -17.85
O2 EDO Q . -18.61 5.99 -18.70
#